data_6IA4
#
_entry.id   6IA4
#
_entity_poly.entity_id   1
_entity_poly.type   'polydeoxyribonucleotide'
_entity_poly.pdbx_seq_one_letter_code
;(DT)(DT)(DG)(DG)(DG)(DT)(DT)(DA)(DG)(DG)(DG)(DT)(DT)(DA)(DG)(DG)(DG)(DT)(DT)(DA)
(8OG)(DG)(DG)(DA)
;
_entity_poly.pdbx_strand_id   A
#
loop_
_chem_comp.id
_chem_comp.type
_chem_comp.name
_chem_comp.formula
8OG DNA linking 8-OXO-2'-DEOXY-GUANOSINE-5'-MONOPHOSPHATE 'C10 H14 N5 O8 P'
DA DNA linking 2'-DEOXYADENOSINE-5'-MONOPHOSPHATE 'C10 H14 N5 O6 P'
DG DNA linking 2'-DEOXYGUANOSINE-5'-MONOPHOSPHATE 'C10 H14 N5 O7 P'
DT DNA linking THYMIDINE-5'-MONOPHOSPHATE 'C10 H15 N2 O8 P'
#
# COMPACT_ATOMS: atom_id res chain seq x y z
P 8OG A 21 3.47 -0.12 0.09
OP1 8OG A 21 4.71 -0.74 0.66
OP2 8OG A 21 3.59 0.70 -1.15
O5' 8OG A 21 2.39 -1.29 -0.18
C5' 8OG A 21 2.00 -2.21 0.83
C4' 8OG A 21 0.55 -2.70 0.67
O4' 8OG A 21 -0.35 -1.68 1.09
C3' 8OG A 21 0.17 -3.11 -0.77
O3' 8OG A 21 -0.63 -4.30 -0.73
C2' 8OG A 21 -0.60 -1.87 -1.24
C1' 8OG A 21 -1.31 -1.46 0.05
N9 8OG A 21 -1.88 -0.09 0.06
C8 8OG A 21 -3.14 0.28 0.44
N7 8OG A 21 -3.38 1.55 0.39
C5 8OG A 21 -2.16 2.12 0.04
C6 8OG A 21 -1.76 3.49 -0.10
O6 8OG A 21 -2.46 4.49 0.04
N1 8OG A 21 -0.44 3.65 -0.43
C2 8OG A 21 0.41 2.61 -0.60
N2 8OG A 21 1.67 2.86 -0.87
N3 8OG A 21 0.07 1.32 -0.52
C4 8OG A 21 -1.23 1.12 -0.18
O8 8OG A 21 -4.00 -0.50 0.84
H5' 8OG A 21 2.09 -1.75 1.82
H5'' 8OG A 21 2.67 -3.07 0.80
H4' 8OG A 21 0.42 -3.57 1.32
H3' 8OG A 21 1.06 -3.27 -1.38
H2' 8OG A 21 0.10 -1.11 -1.56
H2'' 8OG A 21 -1.30 -2.08 -2.04
H1' 8OG A 21 -2.14 -2.17 0.20
H7 8OG A 21 -4.25 1.96 0.70
H1 8OG A 21 -0.10 4.60 -0.49
H21 8OG A 21 2.04 3.79 -0.87
H22 8OG A 21 2.29 2.05 -0.90
P 8OG A 21 3.47 -0.16 0.11
OP1 8OG A 21 4.68 -0.79 0.69
OP2 8OG A 21 3.59 0.66 -1.12
O5' 8OG A 21 2.38 -1.33 -0.17
C5' 8OG A 21 1.97 -2.25 0.84
C4' 8OG A 21 0.52 -2.73 0.65
O4' 8OG A 21 -0.38 -1.70 1.07
C3' 8OG A 21 0.16 -3.12 -0.80
O3' 8OG A 21 -0.65 -4.31 -0.78
C2' 8OG A 21 -0.60 -1.89 -1.27
C1' 8OG A 21 -1.32 -1.49 0.02
N9 8OG A 21 -1.88 -0.11 0.03
C8 8OG A 21 -3.15 0.27 0.39
N7 8OG A 21 -3.40 1.54 0.35
C5 8OG A 21 -2.16 2.10 0.01
C6 8OG A 21 -1.76 3.47 -0.12
O6 8OG A 21 -2.45 4.47 0.02
N1 8OG A 21 -0.42 3.63 -0.43
C2 8OG A 21 0.43 2.59 -0.61
N2 8OG A 21 1.69 2.84 -0.84
N3 8OG A 21 0.07 1.30 -0.53
C4 8OG A 21 -1.23 1.10 -0.20
O8 8OG A 21 -4.01 -0.51 0.78
H5' 8OG A 21 2.06 -1.79 1.82
H5'' 8OG A 21 2.64 -3.12 0.82
H4' 8OG A 21 0.37 -3.60 1.30
H3' 8OG A 21 1.06 -3.28 -1.40
H2' 8OG A 21 0.11 -1.12 -1.58
H2'' 8OG A 21 -1.29 -2.09 -2.07
H1' 8OG A 21 -2.15 -2.18 0.15
H7 8OG A 21 -4.26 1.95 0.64
H1 8OG A 21 -0.07 4.58 -0.49
H21 8OG A 21 2.07 3.76 -0.85
H22 8OG A 21 2.31 2.02 -0.88
P 8OG A 21 3.83 -0.49 -0.21
OP1 8OG A 21 4.93 -1.16 0.54
OP2 8OG A 21 4.06 -0.12 -1.63
O5' 8OG A 21 2.52 -1.43 -0.17
C5' 8OG A 21 2.15 -2.20 0.97
C4' 8OG A 21 0.66 -2.58 0.99
O4' 8OG A 21 -0.14 -1.46 1.38
C3' 8OG A 21 0.14 -3.07 -0.39
O3' 8OG A 21 -0.71 -4.21 -0.20
C2' 8OG A 21 -0.62 -1.83 -0.87
C1' 8OG A 21 -1.20 -1.33 0.46
N9 8OG A 21 -1.79 0.02 0.41
C8 8OG A 21 -3.05 0.40 0.81
N7 8OG A 21 -3.33 1.64 0.67
C5 8OG A 21 -2.14 2.21 0.22
C6 8OG A 21 -1.78 3.57 -0.06
O6 8OG A 21 -2.50 4.56 0.00
N1 8OG A 21 -0.47 3.73 -0.46
C2 8OG A 21 0.40 2.69 -0.58
N2 8OG A 21 1.64 2.96 -0.93
N3 8OG A 21 0.11 1.42 -0.35
C4 8OG A 21 -1.19 1.22 0.06
O8 8OG A 21 -3.88 -0.38 1.30
H5' 8OG A 21 2.37 -1.63 1.87
H5'' 8OG A 21 2.75 -3.10 0.99
H4' 8OG A 21 0.53 -3.38 1.71
H3' 8OG A 21 0.96 -3.30 -1.06
H2' 8OG A 21 0.07 -1.10 -1.28
H2'' 8OG A 21 -1.40 -2.05 -1.59
H1' 8OG A 21 -1.99 -2.03 0.75
H7 8OG A 21 -4.20 2.07 0.97
H1 8OG A 21 -0.15 4.68 -0.59
H21 8OG A 21 1.98 3.90 -1.05
H22 8OG A 21 2.27 2.17 -0.90
P 8OG A 21 3.85 -0.48 -0.21
OP1 8OG A 21 4.96 -1.15 0.53
OP2 8OG A 21 4.08 -0.13 -1.63
O5' 8OG A 21 2.53 -1.43 -0.16
C5' 8OG A 21 2.18 -2.20 0.98
C4' 8OG A 21 0.69 -2.59 0.99
O4' 8OG A 21 -0.10 -1.47 1.40
C3' 8OG A 21 0.16 -3.07 -0.37
O3' 8OG A 21 -0.68 -4.21 -0.18
C2' 8OG A 21 -0.60 -1.83 -0.84
C1' 8OG A 21 -1.18 -1.35 0.48
N9 8OG A 21 -1.78 0.01 0.44
C8 8OG A 21 -3.04 0.37 0.86
N7 8OG A 21 -3.33 1.61 0.71
C5 8OG A 21 -2.15 2.19 0.25
C6 8OG A 21 -1.81 3.55 -0.03
O6 8OG A 21 -2.52 4.54 0.05
N1 8OG A 21 -0.50 3.72 -0.44
C2 8OG A 21 0.38 2.69 -0.57
N2 8OG A 21 1.61 2.96 -0.93
N3 8OG A 21 0.10 1.42 -0.33
C4 8OG A 21 -1.19 1.21 0.08
O8 8OG A 21 -3.86 -0.41 1.35
H5' 8OG A 21 2.40 -1.63 1.88
H5'' 8OG A 21 2.79 -3.11 0.99
H4' 8OG A 21 0.56 -3.39 1.73
H3' 8OG A 21 0.98 -3.31 -1.05
H2' 8OG A 21 0.09 -1.11 -1.25
H2'' 8OG A 21 -1.38 -2.06 -1.56
H1' 8OG A 21 -1.96 -2.05 0.78
H7 8OG A 21 -4.19 2.03 1.02
H1 8OG A 21 -0.17 4.67 -0.57
H21 8OG A 21 1.95 3.90 -1.06
H22 8OG A 21 2.26 2.18 -0.91
P 8OG A 21 3.83 -0.45 -0.22
OP1 8OG A 21 4.95 -1.12 0.52
OP2 8OG A 21 4.05 -0.10 -1.64
O5' 8OG A 21 2.52 -1.41 -0.17
C5' 8OG A 21 2.17 -2.17 0.98
C4' 8OG A 21 0.68 -2.56 1.00
O4' 8OG A 21 -0.11 -1.45 1.41
C3' 8OG A 21 0.15 -3.05 -0.37
O3' 8OG A 21 -0.69 -4.20 -0.18
C2' 8OG A 21 -0.61 -1.81 -0.84
C1' 8OG A 21 -1.18 -1.33 0.48
N9 8OG A 21 -1.79 0.03 0.44
C8 8OG A 21 -3.04 0.38 0.85
N7 8OG A 21 -3.34 1.63 0.71
C5 8OG A 21 -2.16 2.20 0.24
C6 8OG A 21 -1.81 3.57 -0.04
O6 8OG A 21 -2.53 4.56 0.03
N1 8OG A 21 -0.51 3.73 -0.46
C2 8OG A 21 0.37 2.71 -0.58
N2 8OG A 21 1.60 2.98 -0.95
N3 8OG A 21 0.09 1.43 -0.34
C4 8OG A 21 -1.19 1.23 0.07
O8 8OG A 21 -3.86 -0.39 1.35
H5' 8OG A 21 2.40 -1.60 1.88
H5'' 8OG A 21 2.78 -3.08 0.99
H4' 8OG A 21 0.57 -3.37 1.73
H3' 8OG A 21 0.97 -3.30 -1.04
H2' 8OG A 21 0.08 -1.09 -1.26
H2'' 8OG A 21 -1.39 -2.05 -1.56
H1' 8OG A 21 -1.97 -2.03 0.78
H7 8OG A 21 -4.20 2.05 1.02
H1 8OG A 21 -0.19 4.68 -0.59
H21 8OG A 21 1.94 3.92 -1.09
H22 8OG A 21 2.25 2.20 -0.92
P 8OG A 21 3.83 -0.47 -0.21
OP1 8OG A 21 4.93 -1.15 0.53
OP2 8OG A 21 4.05 -0.12 -1.64
O5' 8OG A 21 2.52 -1.41 -0.17
C5' 8OG A 21 2.17 -2.19 0.99
C4' 8OG A 21 0.67 -2.59 1.00
O4' 8OG A 21 -0.13 -1.48 1.42
C3' 8OG A 21 0.14 -3.08 -0.37
O3' 8OG A 21 -0.70 -4.22 -0.19
C2' 8OG A 21 -0.62 -1.84 -0.83
C1' 8OG A 21 -1.19 -1.36 0.49
N9 8OG A 21 -1.80 0.00 0.45
C8 8OG A 21 -3.05 0.36 0.87
N7 8OG A 21 -3.35 1.61 0.72
C5 8OG A 21 -2.16 2.18 0.27
C6 8OG A 21 -1.82 3.54 -0.02
O6 8OG A 21 -2.55 4.53 0.06
N1 8OG A 21 -0.52 3.71 -0.43
C2 8OG A 21 0.36 2.69 -0.56
N2 8OG A 21 1.60 2.95 -0.92
N3 8OG A 21 0.09 1.41 -0.31
C4 8OG A 21 -1.20 1.20 0.10
O8 8OG A 21 -3.87 -0.42 1.36
H5' 8OG A 21 2.38 -1.63 1.88
H5'' 8OG A 21 2.77 -3.09 0.99
H4' 8OG A 21 0.56 -3.39 1.74
H3' 8OG A 21 0.97 -3.31 -1.04
H2' 8OG A 21 0.08 -1.11 -1.25
H2'' 8OG A 21 -1.39 -2.07 -1.56
H1' 8OG A 21 -1.98 -2.06 0.78
H7 8OG A 21 -4.21 2.03 1.03
H1 8OG A 21 -0.20 4.66 -0.57
H21 8OG A 21 1.94 3.89 -1.05
H22 8OG A 21 2.24 2.17 -0.89
P 8OG A 21 3.82 -0.38 -0.30
OP1 8OG A 21 4.95 -1.05 0.41
OP2 8OG A 21 4.02 -0.02 -1.74
O5' 8OG A 21 2.51 -1.34 -0.23
C5' 8OG A 21 2.19 -2.12 0.92
C4' 8OG A 21 0.71 -2.53 0.97
O4' 8OG A 21 -0.09 -1.43 1.39
C3' 8OG A 21 0.17 -3.03 -0.38
O3' 8OG A 21 -0.66 -4.18 -0.18
C2' 8OG A 21 -0.61 -1.80 -0.85
C1' 8OG A 21 -1.18 -1.33 0.49
N9 8OG A 21 -1.80 0.02 0.45
C8 8OG A 21 -3.06 0.37 0.87
N7 8OG A 21 -3.36 1.61 0.74
C5 8OG A 21 -2.18 2.20 0.26
C6 8OG A 21 -1.86 3.57 -0.01
O6 8OG A 21 -2.59 4.55 0.08
N1 8OG A 21 -0.55 3.75 -0.43
C2 8OG A 21 0.32 2.73 -0.57
N2 8OG A 21 1.56 3.00 -0.95
N3 8OG A 21 0.06 1.45 -0.33
C4 8OG A 21 -1.21 1.23 0.09
O8 8OG A 21 -3.86 -0.42 1.37
H5' 8OG A 21 2.43 -1.55 1.81
H5'' 8OG A 21 2.82 -3.01 0.91
H4' 8OG A 21 0.63 -3.34 1.69
H3' 8OG A 21 0.99 -3.26 -1.08
H2' 8OG A 21 0.06 -1.07 -1.28
H2'' 8OG A 21 -1.39 -2.04 -1.56
H1' 8OG A 21 -1.95 -2.04 0.79
H7 8OG A 21 -4.23 2.02 1.06
H1 8OG A 21 -0.24 4.70 -0.58
H21 8OG A 21 1.88 3.95 -1.08
H22 8OG A 21 2.20 2.24 -0.93
P 8OG A 21 3.47 -0.14 0.13
OP1 8OG A 21 4.69 -0.76 0.72
OP2 8OG A 21 3.60 0.68 -1.11
O5' 8OG A 21 2.38 -1.30 -0.15
C5' 8OG A 21 1.98 -2.22 0.85
C4' 8OG A 21 0.53 -2.71 0.67
O4' 8OG A 21 -0.37 -1.68 1.07
C3' 8OG A 21 0.16 -3.12 -0.77
O3' 8OG A 21 -0.63 -4.31 -0.75
C2' 8OG A 21 -0.60 -1.88 -1.25
C1' 8OG A 21 -1.32 -1.47 0.03
N9 8OG A 21 -1.87 -0.09 0.03
C8 8OG A 21 -3.14 0.29 0.41
N7 8OG A 21 -3.38 1.56 0.36
C5 8OG A 21 -2.16 2.12 0.02
C6 8OG A 21 -1.75 3.49 -0.12
O6 8OG A 21 -2.44 4.50 0.02
N1 8OG A 21 -0.42 3.65 -0.43
C2 8OG A 21 0.43 2.60 -0.61
N2 8OG A 21 1.70 2.85 -0.86
N3 8OG A 21 0.08 1.32 -0.53
C4 8OG A 21 -1.22 1.12 -0.19
O8 8OG A 21 -4.00 -0.50 0.80
H5' 8OG A 21 2.06 -1.76 1.84
H5'' 8OG A 21 2.65 -3.09 0.84
H4' 8OG A 21 0.39 -3.58 1.33
H3' 8OG A 21 1.07 -3.27 -1.38
H2' 8OG A 21 0.11 -1.11 -1.57
H2'' 8OG A 21 -1.29 -2.08 -2.06
H1' 8OG A 21 -2.14 -2.16 0.17
H7 8OG A 21 -4.25 1.96 0.66
H1 8OG A 21 -0.07 4.59 -0.49
H21 8OG A 21 2.07 3.78 -0.86
H22 8OG A 21 2.32 2.03 -0.88
P 8OG A 21 3.83 -0.43 -0.25
OP1 8OG A 21 4.95 -1.09 0.49
OP2 8OG A 21 4.05 -0.08 -1.68
O5' 8OG A 21 2.53 -1.38 -0.19
C5' 8OG A 21 2.19 -2.15 0.96
C4' 8OG A 21 0.70 -2.55 1.00
O4' 8OG A 21 -0.11 -1.44 1.41
C3' 8OG A 21 0.17 -3.05 -0.36
O3' 8OG A 21 -0.67 -4.20 -0.16
C2' 8OG A 21 -0.60 -1.81 -0.83
C1' 8OG A 21 -1.18 -1.34 0.50
N9 8OG A 21 -1.79 0.01 0.45
C8 8OG A 21 -3.06 0.37 0.87
N7 8OG A 21 -3.36 1.62 0.73
C5 8OG A 21 -2.17 2.19 0.27
C6 8OG A 21 -1.83 3.57 -0.01
O6 8OG A 21 -2.56 4.55 0.07
N1 8OG A 21 -0.54 3.74 -0.43
C2 8OG A 21 0.34 2.72 -0.57
N2 8OG A 21 1.57 2.99 -0.94
N3 8OG A 21 0.08 1.43 -0.33
C4 8OG A 21 -1.20 1.23 0.09
O8 8OG A 21 -3.86 -0.41 1.38
H5' 8OG A 21 2.41 -1.58 1.86
H5'' 8OG A 21 2.80 -3.05 0.99
H4' 8OG A 21 0.60 -3.35 1.73
H3' 8OG A 21 0.98 -3.28 -1.04
H2' 8OG A 21 0.07 -1.08 -1.25
H2'' 8OG A 21 -1.39 -2.05 -1.56
H1' 8OG A 21 -1.95 -2.04 0.79
H7 8OG A 21 -4.22 2.02 1.05
H1 8OG A 21 -0.23 4.69 -0.57
H21 8OG A 21 1.90 3.93 -1.08
H22 8OG A 21 2.22 2.22 -0.94
P 8OG A 21 3.47 -0.17 0.08
OP1 8OG A 21 4.70 -0.80 0.66
OP2 8OG A 21 3.59 0.67 -1.14
O5' 8OG A 21 2.38 -1.33 -0.21
C5' 8OG A 21 1.99 -2.27 0.78
C4' 8OG A 21 0.54 -2.76 0.59
O4' 8OG A 21 -0.37 -1.73 1.01
C3' 8OG A 21 0.18 -3.14 -0.86
O3' 8OG A 21 -0.62 -4.33 -0.85
C2' 8OG A 21 -0.59 -1.90 -1.32
C1' 8OG A 21 -1.31 -1.51 -0.03
N9 8OG A 21 -1.88 -0.14 -0.01
C8 8OG A 21 -3.15 0.23 0.37
N7 8OG A 21 -3.39 1.49 0.33
C5 8OG A 21 -2.17 2.07 0.00
C6 8OG A 21 -1.77 3.44 -0.11
O6 8OG A 21 -2.47 4.44 0.03
N1 8OG A 21 -0.44 3.61 -0.43
C2 8OG A 21 0.42 2.56 -0.61
N2 8OG A 21 1.68 2.83 -0.84
N3 8OG A 21 0.07 1.29 -0.54
C4 8OG A 21 -1.24 1.08 -0.22
O8 8OG A 21 -4.01 -0.56 0.75
H5' 8OG A 21 2.07 -1.82 1.77
H5'' 8OG A 21 2.66 -3.13 0.75
H4' 8OG A 21 0.40 -3.63 1.23
H3' 8OG A 21 1.08 -3.29 -1.47
H2' 8OG A 21 0.11 -1.13 -1.62
H2'' 8OG A 21 -1.28 -2.11 -2.12
H1' 8OG A 21 -2.13 -2.22 0.09
H7 8OG A 21 -4.27 1.90 0.62
H1 8OG A 21 -0.09 4.56 -0.47
H21 8OG A 21 2.05 3.76 -0.83
H22 8OG A 21 2.30 2.01 -0.88
P 8OG A 21 3.82 -0.43 -0.26
OP1 8OG A 21 4.95 -1.10 0.46
OP2 8OG A 21 4.03 -0.06 -1.69
O5' 8OG A 21 2.52 -1.39 -0.20
C5' 8OG A 21 2.18 -2.15 0.94
C4' 8OG A 21 0.70 -2.55 0.98
O4' 8OG A 21 -0.10 -1.44 1.39
C3' 8OG A 21 0.16 -3.06 -0.38
O3' 8OG A 21 -0.68 -4.20 -0.17
C2' 8OG A 21 -0.62 -1.82 -0.85
C1' 8OG A 21 -1.18 -1.33 0.48
N9 8OG A 21 -1.78 0.02 0.43
C8 8OG A 21 -3.04 0.38 0.85
N7 8OG A 21 -3.34 1.63 0.70
C5 8OG A 21 -2.15 2.21 0.24
C6 8OG A 21 -1.81 3.57 -0.05
O6 8OG A 21 -2.54 4.55 0.02
N1 8OG A 21 -0.50 3.74 -0.46
C2 8OG A 21 0.37 2.71 -0.58
N2 8OG A 21 1.61 2.97 -0.95
N3 8OG A 21 0.09 1.43 -0.34
C4 8OG A 21 -1.19 1.22 0.07
O8 8OG A 21 -3.86 -0.39 1.35
H5' 8OG A 21 2.42 -1.59 1.85
H5'' 8OG A 21 2.80 -3.06 0.94
H4' 8OG A 21 0.59 -3.36 1.71
H3' 8OG A 21 0.97 -3.29 -1.06
H2' 8OG A 21 0.07 -1.09 -1.27
H2'' 8OG A 21 -1.40 -2.05 -1.56
H1' 8OG A 21 -1.96 -2.04 0.77
H7 8OG A 21 -4.20 2.05 1.01
H1 8OG A 21 -0.18 4.69 -0.60
H21 8OG A 21 1.94 3.92 -1.08
H22 8OG A 21 2.25 2.20 -0.91
P 8OG A 21 3.84 -0.49 -0.21
OP1 8OG A 21 4.93 -1.16 0.54
OP2 8OG A 21 4.07 -0.14 -1.64
O5' 8OG A 21 2.51 -1.42 -0.16
C5' 8OG A 21 2.16 -2.18 0.99
C4' 8OG A 21 0.67 -2.58 1.01
O4' 8OG A 21 -0.13 -1.47 1.42
C3' 8OG A 21 0.14 -3.07 -0.36
O3' 8OG A 21 -0.70 -4.21 -0.16
C2' 8OG A 21 -0.62 -1.84 -0.83
C1' 8OG A 21 -1.20 -1.35 0.49
N9 8OG A 21 -1.80 0.00 0.46
C8 8OG A 21 -3.06 0.36 0.86
N7 8OG A 21 -3.36 1.61 0.73
C5 8OG A 21 -2.17 2.18 0.27
C6 8OG A 21 -1.83 3.55 -0.02
O6 8OG A 21 -2.55 4.54 0.06
N1 8OG A 21 -0.52 3.72 -0.44
C2 8OG A 21 0.36 2.69 -0.56
N2 8OG A 21 1.58 2.96 -0.93
N3 8OG A 21 0.08 1.41 -0.31
C4 8OG A 21 -1.21 1.21 0.10
O8 8OG A 21 -3.88 -0.41 1.36
H5' 8OG A 21 2.38 -1.61 1.89
H5'' 8OG A 21 2.77 -3.09 1.01
H4' 8OG A 21 0.56 -3.38 1.74
H3' 8OG A 21 0.97 -3.30 -1.03
H2' 8OG A 21 0.08 -1.10 -1.24
H2'' 8OG A 21 -1.40 -2.06 -1.56
H1' 8OG A 21 -1.98 -2.06 0.78
H7 8OG A 21 -4.22 2.03 1.04
H1 8OG A 21 -0.20 4.67 -0.57
H21 8OG A 21 1.91 3.91 -1.05
H22 8OG A 21 2.23 2.18 -0.90
#